data_4XX9
#
_entry.id   4XX9
#
_cell.length_a   148.626
_cell.length_b   44.429
_cell.length_c   47.639
_cell.angle_alpha   90.000
_cell.angle_beta   101.110
_cell.angle_gamma   90.000
#
_symmetry.space_group_name_H-M   'C 1 2 1'
#
loop_
_entity.id
_entity.type
_entity.pdbx_description
1 polymer '3-phosphoinositide-dependent protein kinase 1'
2 non-polymer "ADENOSINE-5'-TRIPHOSPHATE"
3 non-polymer '(2-{[2-(2,6-dimethylphenoxy)ethyl]sulfanyl}-1H-benzimidazol-1-yl)acetic acid'
4 non-polymer GLYCEROL
5 water water
#
_entity_poly.entity_id   1
_entity_poly.type   'polypeptide(L)'
_entity_poly.pdbx_seq_one_letter_code
;AMDGTAAEPRPGAGSLQHAQPPPQPRKKRPEDFKFGKILGEGSFSTVVLARELATSREYAIKILEKRHIIKENKVPYVTR
ERDVMSRLDHPFFVKLYFTFQDDEKLYFGLSYAKNGELLKYIRKIGSFDETCTRFYTAEIVSALEYLHGKGIIHRDLKPE
NILLNEDMHIQITDFGTAKVLSPESKQARAN(SEP)FVGTAQYVSPELLTEKSACKSSDLWALGCIIYQLVAGLPPFRAG
NEGLIFAKIIKLEYDFPEKFFPKARDLVEKLLVLDATKRLGCEEMEGYGPLKAHPFFESVTWENLHQQTPPKLT
;
_entity_poly.pdbx_strand_id   A
#
# COMPACT_ATOMS: atom_id res chain seq x y z
N PRO A 22 -28.28 1.42 -12.71
CA PRO A 22 -28.48 2.04 -14.01
C PRO A 22 -27.45 1.52 -15.02
N PRO A 23 -27.54 1.96 -16.28
CA PRO A 23 -26.49 1.61 -17.25
C PRO A 23 -25.15 2.25 -16.90
N GLN A 24 -24.08 1.80 -17.54
CA GLN A 24 -22.75 2.37 -17.31
C GLN A 24 -22.21 2.83 -18.64
N PRO A 25 -21.06 3.51 -18.64
CA PRO A 25 -20.50 3.88 -19.94
C PRO A 25 -20.20 2.59 -20.70
N ARG A 26 -20.22 2.61 -22.02
CA ARG A 26 -19.95 1.39 -22.77
C ARG A 26 -18.58 0.84 -22.36
N LYS A 27 -18.39 -0.48 -22.45
CA LYS A 27 -17.07 -1.07 -22.20
C LYS A 27 -16.10 -0.52 -23.21
N LYS A 28 -14.94 -0.14 -22.70
CA LYS A 28 -13.87 0.34 -23.52
C LYS A 28 -13.17 -0.80 -24.23
N ARG A 29 -12.39 -0.44 -25.24
CA ARG A 29 -11.66 -1.38 -26.06
C ARG A 29 -10.26 -0.82 -26.29
N PRO A 30 -9.30 -1.69 -26.62
CA PRO A 30 -7.94 -1.17 -26.81
C PRO A 30 -7.83 -0.05 -27.83
N GLU A 31 -8.59 -0.14 -28.91
CA GLU A 31 -8.57 0.91 -29.93
C GLU A 31 -9.13 2.26 -29.50
N ASP A 32 -9.71 2.34 -28.31
CA ASP A 32 -10.17 3.60 -27.74
C ASP A 32 -9.03 4.44 -27.17
N PHE A 33 -7.82 3.88 -27.17
CA PHE A 33 -6.65 4.51 -26.55
C PHE A 33 -5.49 4.65 -27.50
N LYS A 34 -4.68 5.65 -27.24
CA LYS A 34 -3.33 5.74 -27.81
C LYS A 34 -2.36 5.37 -26.68
N PHE A 35 -1.65 4.27 -26.83
CA PHE A 35 -0.70 3.85 -25.82
CA PHE A 35 -0.68 3.82 -25.84
C PHE A 35 0.65 4.53 -26.00
N GLY A 36 1.24 4.86 -24.86
CA GLY A 36 2.55 5.47 -24.84
C GLY A 36 3.57 4.62 -24.11
N LYS A 37 4.33 5.24 -23.23
CA LYS A 37 5.46 4.57 -22.60
C LYS A 37 5.03 3.52 -21.58
N ILE A 38 5.91 2.54 -21.40
CA ILE A 38 5.78 1.60 -20.32
C ILE A 38 6.17 2.32 -19.03
N LEU A 39 5.28 2.26 -18.05
CA LEU A 39 5.47 2.85 -16.73
C LEU A 39 6.11 1.87 -15.77
N GLY A 40 5.91 0.58 -16.01
CA GLY A 40 6.59 -0.43 -15.22
C GLY A 40 6.19 -1.82 -15.64
N GLU A 41 6.96 -2.80 -15.18
CA GLU A 41 6.70 -4.18 -15.52
C GLU A 41 6.76 -4.98 -14.25
N GLY A 42 5.78 -5.85 -14.09
CA GLY A 42 5.71 -6.75 -12.98
C GLY A 42 5.98 -8.14 -13.50
N SER A 43 5.89 -9.14 -12.63
CA SER A 43 6.18 -10.51 -13.06
C SER A 43 5.17 -11.05 -14.06
N PHE A 44 3.91 -10.60 -13.99
CA PHE A 44 2.92 -11.05 -14.98
C PHE A 44 1.99 -9.92 -15.42
N SER A 45 2.51 -8.70 -15.39
CA SER A 45 1.74 -7.55 -15.86
C SER A 45 2.69 -6.50 -16.37
N THR A 46 2.14 -5.62 -17.21
CA THR A 46 2.83 -4.42 -17.67
C THR A 46 1.88 -3.26 -17.53
N VAL A 47 2.40 -2.11 -17.10
CA VAL A 47 1.57 -0.90 -16.94
C VAL A 47 2.07 0.10 -17.98
N VAL A 48 1.14 0.58 -18.79
CA VAL A 48 1.43 1.48 -19.89
CA VAL A 48 1.46 1.51 -19.87
C VAL A 48 0.63 2.75 -19.75
N LEU A 49 1.26 3.88 -20.02
CA LEU A 49 0.55 5.15 -20.06
C LEU A 49 -0.31 5.19 -21.34
N ALA A 50 -1.56 5.63 -21.21
CA ALA A 50 -2.48 5.66 -22.35
C ALA A 50 -3.31 6.93 -22.29
N ARG A 51 -3.63 7.44 -23.47
CA ARG A 51 -4.53 8.56 -23.59
C ARG A 51 -5.78 8.06 -24.25
N GLU A 52 -6.92 8.31 -23.62
CA GLU A 52 -8.19 7.94 -24.19
C GLU A 52 -8.56 8.93 -25.29
N LEU A 53 -8.80 8.44 -26.50
CA LEU A 53 -8.97 9.31 -27.66
C LEU A 53 -10.18 10.23 -27.52
N ALA A 54 -11.30 9.72 -27.02
CA ALA A 54 -12.54 10.52 -26.98
C ALA A 54 -12.54 11.59 -25.91
N THR A 55 -11.63 11.54 -24.94
CA THR A 55 -11.67 12.46 -23.80
C THR A 55 -10.36 13.18 -23.56
N SER A 56 -9.29 12.64 -24.16
CA SER A 56 -7.94 13.15 -23.94
CA SER A 56 -7.92 13.10 -23.95
C SER A 56 -7.41 12.87 -22.52
N ARG A 57 -8.14 12.09 -21.74
CA ARG A 57 -7.65 11.74 -20.41
C ARG A 57 -6.51 10.72 -20.43
N GLU A 58 -5.57 10.91 -19.51
CA GLU A 58 -4.48 9.96 -19.30
C GLU A 58 -4.80 8.95 -18.21
N TYR A 59 -4.54 7.68 -18.50
CA TYR A 59 -4.68 6.59 -17.56
C TYR A 59 -3.41 5.75 -17.54
N ALA A 60 -3.17 5.11 -16.40
CA ALA A 60 -2.18 4.02 -16.33
C ALA A 60 -2.97 2.73 -16.58
N ILE A 61 -2.70 2.03 -17.68
CA ILE A 61 -3.43 0.81 -18.02
C ILE A 61 -2.56 -0.42 -17.69
N LYS A 62 -3.06 -1.25 -16.78
CA LYS A 62 -2.34 -2.46 -16.39
C LYS A 62 -2.88 -3.57 -17.26
N ILE A 63 -1.96 -4.26 -17.94
CA ILE A 63 -2.32 -5.24 -18.97
C ILE A 63 -1.72 -6.60 -18.61
N LEU A 64 -2.56 -7.63 -18.68
CA LEU A 64 -2.15 -9.01 -18.38
C LEU A 64 -2.56 -9.93 -19.51
N GLU A 65 -1.72 -10.91 -19.78
CA GLU A 65 -2.01 -11.90 -20.82
C GLU A 65 -2.78 -13.07 -20.22
N LYS A 66 -3.95 -13.37 -20.79
CA LYS A 66 -4.81 -14.44 -20.27
C LYS A 66 -4.10 -15.81 -20.22
N ARG A 67 -3.41 -16.18 -21.30
CA ARG A 67 -2.73 -17.47 -21.37
C ARG A 67 -1.71 -17.59 -20.24
N HIS A 68 -0.93 -16.53 -20.06
CA HIS A 68 0.11 -16.50 -19.06
C HIS A 68 -0.44 -16.60 -17.64
N ILE A 69 -1.45 -15.81 -17.30
CA ILE A 69 -2.00 -15.88 -15.94
C ILE A 69 -2.69 -17.24 -15.68
N ILE A 70 -3.27 -17.85 -16.71
CA ILE A 70 -3.90 -19.17 -16.57
C ILE A 70 -2.83 -20.23 -16.37
N LYS A 71 -1.75 -20.14 -17.14
CA LYS A 71 -0.68 -21.16 -17.08
C LYS A 71 0.07 -21.09 -15.74
N GLU A 72 0.19 -19.88 -15.21
CA GLU A 72 0.98 -19.63 -14.01
C GLU A 72 0.12 -19.54 -12.75
N ASN A 73 -1.13 -19.95 -12.87
CA ASN A 73 -2.05 -20.02 -11.72
C ASN A 73 -2.16 -18.68 -10.98
N LYS A 74 -2.24 -17.58 -11.74
CA LYS A 74 -2.36 -16.25 -11.14
C LYS A 74 -3.78 -15.68 -11.25
N VAL A 75 -4.72 -16.47 -11.74
CA VAL A 75 -6.06 -15.95 -11.95
C VAL A 75 -6.65 -15.43 -10.65
N PRO A 76 -6.44 -16.15 -9.53
CA PRO A 76 -7.01 -15.64 -8.29
C PRO A 76 -6.47 -14.28 -7.88
N TYR A 77 -5.21 -14.02 -8.14
CA TYR A 77 -4.66 -12.72 -7.78
C TYR A 77 -5.26 -11.59 -8.62
N VAL A 78 -5.50 -11.85 -9.91
CA VAL A 78 -6.01 -10.84 -10.81
CA VAL A 78 -5.99 -10.79 -10.78
C VAL A 78 -7.46 -10.52 -10.48
N THR A 79 -8.23 -11.56 -10.23
CA THR A 79 -9.61 -11.40 -9.80
CA THR A 79 -9.61 -11.35 -9.82
C THR A 79 -9.68 -10.66 -8.46
N ARG A 80 -8.79 -11.02 -7.51
CA ARG A 80 -8.72 -10.32 -6.21
C ARG A 80 -8.47 -8.82 -6.40
N GLU A 81 -7.49 -8.47 -7.23
CA GLU A 81 -7.16 -7.08 -7.46
C GLU A 81 -8.38 -6.31 -7.98
N ARG A 82 -9.10 -6.86 -8.95
CA ARG A 82 -10.26 -6.15 -9.50
C ARG A 82 -11.35 -5.97 -8.46
N ASP A 83 -11.65 -7.05 -7.73
CA ASP A 83 -12.70 -7.03 -6.73
C ASP A 83 -12.40 -6.05 -5.60
N VAL A 84 -11.18 -6.07 -5.09
CA VAL A 84 -10.83 -5.20 -3.98
C VAL A 84 -10.81 -3.73 -4.44
N MET A 85 -10.18 -3.45 -5.57
CA MET A 85 -10.10 -2.05 -6.03
CA MET A 85 -10.09 -2.07 -6.05
C MET A 85 -11.46 -1.46 -6.36
N SER A 86 -12.40 -2.28 -6.83
CA SER A 86 -13.70 -1.75 -7.20
CA SER A 86 -13.71 -1.75 -7.19
C SER A 86 -14.44 -1.25 -5.95
N ARG A 87 -13.99 -1.69 -4.77
CA ARG A 87 -14.65 -1.30 -3.50
C ARG A 87 -14.11 0.00 -2.95
N LEU A 88 -12.98 0.47 -3.48
CA LEU A 88 -12.28 1.60 -2.86
C LEU A 88 -12.73 2.95 -3.44
N ASP A 89 -12.89 3.93 -2.57
CA ASP A 89 -13.29 5.25 -2.97
C ASP A 89 -12.73 6.24 -1.97
N HIS A 90 -11.43 6.50 -2.05
CA HIS A 90 -10.76 7.38 -1.09
C HIS A 90 -9.58 8.02 -1.83
N PRO A 91 -9.28 9.28 -1.52
CA PRO A 91 -8.20 9.96 -2.27
C PRO A 91 -6.80 9.40 -2.15
N PHE A 92 -6.51 8.59 -1.15
CA PHE A 92 -5.15 8.07 -0.97
C PHE A 92 -4.90 6.70 -1.60
N PHE A 93 -5.80 6.28 -2.49
CA PHE A 93 -5.66 5.03 -3.21
C PHE A 93 -5.73 5.24 -4.70
N VAL A 94 -4.93 4.49 -5.44
CA VAL A 94 -5.07 4.46 -6.88
C VAL A 94 -6.53 4.08 -7.17
N LYS A 95 -7.14 4.74 -8.14
CA LYS A 95 -8.55 4.47 -8.51
C LYS A 95 -8.61 3.52 -9.70
N LEU A 96 -9.52 2.56 -9.64
CA LEU A 96 -9.85 1.72 -10.79
C LEU A 96 -11.11 2.32 -11.47
N TYR A 97 -10.89 2.91 -12.65
CA TYR A 97 -11.95 3.57 -13.38
C TYR A 97 -12.79 2.64 -14.25
N PHE A 98 -12.15 1.62 -14.80
CA PHE A 98 -12.80 0.70 -15.71
C PHE A 98 -11.93 -0.54 -15.90
N THR A 99 -12.54 -1.57 -16.44
CA THR A 99 -11.84 -2.77 -16.87
C THR A 99 -12.40 -3.23 -18.21
N PHE A 100 -11.60 -3.96 -18.96
CA PHE A 100 -12.07 -4.59 -20.18
C PHE A 100 -11.16 -5.72 -20.57
N GLN A 101 -11.52 -6.45 -21.62
CA GLN A 101 -10.70 -7.56 -22.11
C GLN A 101 -10.80 -7.65 -23.61
N ASP A 102 -9.84 -8.36 -24.20
CA ASP A 102 -9.97 -8.79 -25.59
C ASP A 102 -9.61 -10.26 -25.61
N ASP A 103 -9.40 -10.84 -26.79
CA ASP A 103 -9.21 -12.29 -26.84
C ASP A 103 -8.00 -12.75 -26.07
N GLU A 104 -6.98 -11.90 -25.99
CA GLU A 104 -5.70 -12.28 -25.41
C GLU A 104 -5.41 -11.70 -24.05
N LYS A 105 -6.07 -10.61 -23.72
CA LYS A 105 -5.63 -9.76 -22.60
C LYS A 105 -6.74 -9.24 -21.69
N LEU A 106 -6.34 -8.91 -20.47
CA LEU A 106 -7.18 -8.22 -19.47
C LEU A 106 -6.57 -6.84 -19.26
N TYR A 107 -7.43 -5.84 -19.07
CA TYR A 107 -6.99 -4.46 -18.91
C TYR A 107 -7.65 -3.83 -17.69
N PHE A 108 -6.85 -3.14 -16.88
CA PHE A 108 -7.35 -2.30 -15.77
C PHE A 108 -7.02 -0.86 -16.10
N GLY A 109 -8.03 0.00 -16.08
CA GLY A 109 -7.82 1.41 -16.23
C GLY A 109 -7.68 2.10 -14.88
N LEU A 110 -6.47 2.56 -14.61
CA LEU A 110 -6.09 3.09 -13.32
C LEU A 110 -5.74 4.57 -13.37
N SER A 111 -5.86 5.25 -12.24
CA SER A 111 -5.34 6.60 -12.19
C SER A 111 -3.82 6.56 -12.39
N TYR A 112 -3.30 7.58 -13.03
CA TYR A 112 -1.89 7.72 -13.30
C TYR A 112 -1.22 8.52 -12.19
N ALA A 113 -0.33 7.87 -11.45
CA ALA A 113 0.40 8.54 -10.38
C ALA A 113 1.70 9.03 -10.95
N LYS A 114 1.70 10.29 -11.36
CA LYS A 114 2.76 10.85 -12.20
C LYS A 114 4.13 10.86 -11.55
N ASN A 115 4.16 10.95 -10.23
CA ASN A 115 5.44 11.10 -9.53
C ASN A 115 6.04 9.77 -9.03
N GLY A 116 5.39 8.66 -9.36
CA GLY A 116 5.98 7.34 -9.14
C GLY A 116 6.04 6.91 -7.68
N GLU A 117 6.98 6.04 -7.38
CA GLU A 117 7.08 5.38 -6.06
C GLU A 117 7.70 6.22 -4.95
N LEU A 118 7.12 6.11 -3.77
CA LEU A 118 7.70 6.73 -2.58
C LEU A 118 9.16 6.28 -2.37
N LEU A 119 9.44 5.03 -2.69
CA LEU A 119 10.78 4.48 -2.51
C LEU A 119 11.84 5.31 -3.21
N LYS A 120 11.51 5.81 -4.39
CA LYS A 120 12.44 6.61 -5.17
C LYS A 120 12.90 7.85 -4.39
N TYR A 121 11.98 8.46 -3.65
CA TYR A 121 12.28 9.66 -2.90
C TYR A 121 13.07 9.34 -1.66
N ILE A 122 12.75 8.25 -1.00
CA ILE A 122 13.57 7.81 0.13
C ILE A 122 15.02 7.65 -0.31
N ARG A 123 15.24 6.98 -1.44
CA ARG A 123 16.60 6.75 -1.89
C ARG A 123 17.30 8.01 -2.31
N LYS A 124 16.58 8.91 -2.96
CA LYS A 124 17.20 10.14 -3.47
C LYS A 124 17.64 11.07 -2.34
N ILE A 125 16.80 11.17 -1.33
CA ILE A 125 16.99 12.10 -0.23
C ILE A 125 17.73 11.47 0.95
N GLY A 126 17.59 10.17 1.10
CA GLY A 126 18.28 9.43 2.14
C GLY A 126 17.51 9.33 3.45
N SER A 127 16.95 10.45 3.89
CA SER A 127 16.30 10.54 5.21
C SER A 127 15.32 11.69 5.12
N PHE A 128 14.03 11.44 5.31
CA PHE A 128 13.09 12.56 5.37
C PHE A 128 13.23 13.34 6.67
N ASP A 129 13.06 14.66 6.58
CA ASP A 129 12.98 15.49 7.78
C ASP A 129 11.71 15.19 8.59
N GLU A 130 11.63 15.77 9.78
CA GLU A 130 10.51 15.42 10.66
C GLU A 130 9.16 15.86 10.09
N THR A 131 9.10 17.02 9.47
CA THR A 131 7.84 17.50 8.90
C THR A 131 7.32 16.60 7.76
N CYS A 132 8.22 16.18 6.88
CA CYS A 132 7.87 15.28 5.80
C CYS A 132 7.53 13.88 6.30
N THR A 133 8.28 13.39 7.28
CA THR A 133 7.95 12.09 7.84
C THR A 133 6.58 12.15 8.44
N ARG A 134 6.28 13.21 9.17
CA ARG A 134 5.00 13.31 9.83
C ARG A 134 3.86 13.36 8.82
N PHE A 135 4.03 14.16 7.78
CA PHE A 135 2.96 14.37 6.79
C PHE A 135 2.67 13.07 6.06
N TYR A 136 3.70 12.41 5.55
CA TYR A 136 3.50 11.20 4.77
C TYR A 136 3.02 10.04 5.66
N THR A 137 3.52 9.98 6.88
CA THR A 137 3.03 8.98 7.85
C THR A 137 1.53 9.22 8.09
N ALA A 138 1.14 10.48 8.30
CA ALA A 138 -0.27 10.77 8.54
C ALA A 138 -1.13 10.36 7.35
N GLU A 139 -0.66 10.62 6.12
CA GLU A 139 -1.47 10.18 4.97
C GLU A 139 -1.62 8.66 4.96
N ILE A 140 -0.55 7.92 5.26
CA ILE A 140 -0.64 6.47 5.28
C ILE A 140 -1.60 5.99 6.39
N VAL A 141 -1.50 6.58 7.56
CA VAL A 141 -2.41 6.25 8.65
C VAL A 141 -3.86 6.49 8.23
N SER A 142 -4.12 7.64 7.60
CA SER A 142 -5.47 7.94 7.11
CA SER A 142 -5.44 7.96 7.15
C SER A 142 -5.96 6.92 6.13
N ALA A 143 -5.08 6.51 5.22
CA ALA A 143 -5.46 5.50 4.24
C ALA A 143 -5.79 4.19 4.92
N LEU A 144 -4.94 3.75 5.85
CA LEU A 144 -5.18 2.51 6.54
C LEU A 144 -6.45 2.54 7.37
N GLU A 145 -6.73 3.67 7.98
CA GLU A 145 -7.99 3.80 8.71
C GLU A 145 -9.18 3.52 7.78
N TYR A 146 -9.15 4.12 6.59
CA TYR A 146 -10.20 3.86 5.62
C TYR A 146 -10.27 2.39 5.22
N LEU A 147 -9.13 1.81 4.90
CA LEU A 147 -9.11 0.44 4.43
C LEU A 147 -9.61 -0.54 5.50
N HIS A 148 -9.07 -0.38 6.70
CA HIS A 148 -9.48 -1.24 7.82
C HIS A 148 -10.94 -1.06 8.20
N GLY A 149 -11.45 0.15 8.00
CA GLY A 149 -12.85 0.43 8.28
C GLY A 149 -13.77 -0.35 7.36
N LYS A 150 -13.26 -0.68 6.17
CA LYS A 150 -13.97 -1.53 5.21
C LYS A 150 -13.69 -3.03 5.38
N GLY A 151 -12.91 -3.36 6.41
CA GLY A 151 -12.57 -4.74 6.64
C GLY A 151 -11.60 -5.33 5.61
N ILE A 152 -10.71 -4.50 5.08
CA ILE A 152 -9.76 -4.93 4.06
C ILE A 152 -8.35 -4.84 4.65
N ILE A 153 -7.57 -5.92 4.51
CA ILE A 153 -6.17 -5.96 4.91
C ILE A 153 -5.34 -5.82 3.61
N HIS A 154 -4.35 -4.92 3.60
CA HIS A 154 -3.51 -4.79 2.41
C HIS A 154 -2.53 -5.95 2.23
N ARG A 155 -1.79 -6.23 3.30
CA ARG A 155 -0.82 -7.33 3.43
C ARG A 155 0.51 -7.16 2.68
N ASP A 156 0.64 -6.16 1.83
CA ASP A 156 1.91 -5.89 1.17
C ASP A 156 2.20 -4.39 1.11
N LEU A 157 2.03 -3.73 2.25
CA LEU A 157 2.30 -2.31 2.34
CA LEU A 157 2.34 -2.31 2.35
C LEU A 157 3.82 -2.11 2.40
N LYS A 158 4.33 -1.25 1.53
CA LYS A 158 5.75 -0.97 1.42
C LYS A 158 5.92 0.22 0.53
N PRO A 159 7.09 0.89 0.59
CA PRO A 159 7.22 2.12 -0.20
C PRO A 159 7.10 1.95 -1.70
N GLU A 160 7.39 0.78 -2.26
CA GLU A 160 7.22 0.57 -3.68
C GLU A 160 5.76 0.57 -4.08
N ASN A 161 4.88 0.28 -3.13
CA ASN A 161 3.44 0.23 -3.38
C ASN A 161 2.71 1.50 -2.91
N ILE A 162 3.46 2.54 -2.57
CA ILE A 162 2.89 3.81 -2.22
C ILE A 162 3.33 4.78 -3.28
N LEU A 163 2.44 5.08 -4.22
CA LEU A 163 2.79 5.97 -5.33
C LEU A 163 2.48 7.42 -4.95
N LEU A 164 2.90 8.37 -5.79
CA LEU A 164 2.70 9.77 -5.53
C LEU A 164 2.08 10.40 -6.76
N ASN A 165 0.99 11.13 -6.55
CA ASN A 165 0.34 11.82 -7.66
C ASN A 165 1.05 13.13 -8.02
N GLU A 166 0.52 13.84 -9.00
CA GLU A 166 1.15 15.06 -9.49
C GLU A 166 1.31 16.12 -8.40
N ASP A 167 0.44 16.06 -7.39
CA ASP A 167 0.46 17.02 -6.28
C ASP A 167 1.23 16.52 -5.06
N MET A 168 1.85 15.33 -5.20
CA MET A 168 2.68 14.72 -4.16
C MET A 168 1.90 14.20 -2.98
N HIS A 169 0.65 13.86 -3.21
CA HIS A 169 -0.11 13.06 -2.24
C HIS A 169 0.03 11.58 -2.57
N ILE A 170 -0.09 10.74 -1.55
CA ILE A 170 0.06 9.32 -1.75
C ILE A 170 -1.11 8.71 -2.51
N GLN A 171 -0.79 7.61 -3.20
CA GLN A 171 -1.73 6.77 -3.92
C GLN A 171 -1.30 5.32 -3.72
N ILE A 172 -1.91 4.66 -2.74
CA ILE A 172 -1.56 3.28 -2.43
C ILE A 172 -2.09 2.37 -3.49
N THR A 173 -1.30 1.38 -3.86
CA THR A 173 -1.66 0.46 -4.91
C THR A 173 -1.29 -0.97 -4.57
N ASP A 174 -1.51 -1.89 -5.52
CA ASP A 174 -1.14 -3.33 -5.43
C ASP A 174 -2.05 -4.12 -4.49
N PHE A 175 -3.27 -4.36 -4.97
CA PHE A 175 -4.31 -4.98 -4.17
C PHE A 175 -4.58 -6.45 -4.50
N GLY A 176 -3.75 -7.04 -5.35
CA GLY A 176 -3.95 -8.44 -5.69
C GLY A 176 -3.65 -9.38 -4.54
N THR A 177 -2.89 -8.89 -3.56
CA THR A 177 -2.62 -9.69 -2.37
C THR A 177 -3.40 -9.21 -1.16
N ALA A 178 -4.33 -8.29 -1.37
CA ALA A 178 -5.20 -7.83 -0.29
C ALA A 178 -6.31 -8.84 0.02
N LYS A 179 -6.96 -8.64 1.14
CA LYS A 179 -8.02 -9.54 1.59
C LYS A 179 -9.20 -8.77 2.14
N VAL A 180 -10.42 -9.10 1.67
CA VAL A 180 -11.64 -8.57 2.27
C VAL A 180 -12.07 -9.57 3.31
N LEU A 181 -12.02 -9.16 4.56
CA LEU A 181 -12.47 -10.00 5.65
C LEU A 181 -13.98 -10.07 5.67
N SER A 182 -14.53 -11.25 5.95
CA SER A 182 -15.95 -11.45 5.90
C SER A 182 -16.64 -10.80 7.10
N PRO A 183 -17.56 -9.86 6.87
CA PRO A 183 -18.32 -9.29 7.99
C PRO A 183 -19.28 -10.31 8.61
N GLU A 184 -19.71 -11.29 7.82
CA GLU A 184 -20.74 -12.25 8.24
C GLU A 184 -20.23 -13.18 9.33
N SER A 185 -18.94 -13.51 9.27
CA SER A 185 -18.35 -14.42 10.26
C SER A 185 -17.49 -13.65 11.25
N LYS A 186 -17.52 -12.33 11.18
CA LYS A 186 -16.65 -11.48 11.98
C LYS A 186 -15.17 -11.92 11.89
N GLN A 187 -14.77 -12.25 10.67
CA GLN A 187 -13.45 -12.75 10.39
C GLN A 187 -12.40 -11.72 10.79
N ALA A 188 -11.36 -12.17 11.51
CA ALA A 188 -10.26 -11.28 11.90
C ALA A 188 -8.94 -11.67 11.24
N ARG A 189 -8.81 -12.95 10.87
CA ARG A 189 -7.54 -13.49 10.40
C ARG A 189 -7.70 -14.11 9.01
N ALA A 190 -6.66 -13.93 8.19
CA ALA A 190 -6.58 -14.39 6.82
C ALA A 190 -5.40 -15.35 6.68
N ASN A 191 -5.55 -16.40 5.87
CA ASN A 191 -4.59 -17.51 5.87
C ASN A 191 -3.62 -17.61 4.67
N PHE A 193 -0.41 -16.90 2.49
CA PHE A 193 0.97 -16.42 2.77
C PHE A 193 1.41 -15.51 1.67
N VAL A 194 1.32 -14.21 1.94
CA VAL A 194 1.64 -13.19 0.96
C VAL A 194 2.40 -12.08 1.64
N GLY A 195 3.08 -11.25 0.87
CA GLY A 195 3.80 -10.09 1.39
C GLY A 195 5.25 -10.02 0.90
N THR A 196 6.03 -9.14 1.52
CA THR A 196 7.42 -8.88 1.15
C THR A 196 8.21 -9.02 2.43
N ALA A 197 9.32 -9.75 2.40
CA ALA A 197 10.02 -10.15 3.62
C ALA A 197 10.30 -9.02 4.58
N GLN A 198 10.84 -7.90 4.09
CA GLN A 198 11.22 -6.80 4.99
C GLN A 198 10.06 -6.26 5.81
N TYR A 199 8.81 -6.44 5.33
CA TYR A 199 7.65 -5.79 5.92
C TYR A 199 6.67 -6.81 6.49
N VAL A 200 6.98 -8.10 6.41
CA VAL A 200 6.02 -9.11 6.86
CA VAL A 200 6.09 -9.16 6.85
C VAL A 200 6.00 -9.16 8.38
N SER A 201 4.80 -9.42 8.89
CA SER A 201 4.57 -9.42 10.32
C SER A 201 4.95 -10.76 10.99
N PRO A 202 5.29 -10.69 12.27
CA PRO A 202 5.67 -11.92 12.98
C PRO A 202 4.55 -12.93 13.02
N GLU A 203 3.30 -12.50 13.13
CA GLU A 203 2.21 -13.45 13.16
C GLU A 203 2.08 -14.22 11.85
N LEU A 204 2.38 -13.60 10.72
CA LEU A 204 2.32 -14.36 9.50
C LEU A 204 3.39 -15.45 9.44
N LEU A 205 4.58 -15.14 9.95
CA LEU A 205 5.68 -16.10 10.00
C LEU A 205 5.42 -17.23 10.97
N THR A 206 4.78 -16.94 12.10
CA THR A 206 4.67 -17.92 13.18
C THR A 206 3.33 -18.64 13.22
N GLU A 207 2.26 -17.88 13.07
CA GLU A 207 0.90 -18.40 13.21
C GLU A 207 0.31 -18.68 11.84
N LYS A 208 0.98 -18.19 10.80
CA LYS A 208 0.64 -18.40 9.41
C LYS A 208 -0.70 -17.72 9.05
N SER A 209 -1.00 -16.62 9.73
CA SER A 209 -2.18 -15.82 9.40
CA SER A 209 -2.19 -15.83 9.42
C SER A 209 -1.84 -14.36 9.62
N ALA A 210 -2.54 -13.50 8.89
CA ALA A 210 -2.42 -12.04 9.02
C ALA A 210 -3.75 -11.50 9.48
N CYS A 211 -3.70 -10.29 10.00
CA CYS A 211 -4.86 -9.56 10.46
C CYS A 211 -4.67 -8.09 10.13
N LYS A 212 -5.63 -7.24 10.45
CA LYS A 212 -5.46 -5.85 10.13
C LYS A 212 -4.21 -5.29 10.77
N SER A 213 -3.93 -5.74 11.98
CA SER A 213 -2.75 -5.26 12.70
C SER A 213 -1.41 -5.58 11.97
N SER A 214 -1.42 -6.58 11.07
CA SER A 214 -0.24 -6.84 10.24
C SER A 214 0.18 -5.62 9.40
N ASP A 215 -0.79 -4.82 8.95
CA ASP A 215 -0.51 -3.61 8.20
C ASP A 215 0.12 -2.54 9.10
N LEU A 216 -0.23 -2.53 10.39
CA LEU A 216 0.35 -1.58 11.35
C LEU A 216 1.82 -1.90 11.62
N TRP A 217 2.16 -3.19 11.62
CA TRP A 217 3.57 -3.58 11.67
C TRP A 217 4.31 -3.01 10.45
N ALA A 218 3.76 -3.20 9.25
CA ALA A 218 4.37 -2.68 8.06
C ALA A 218 4.51 -1.15 8.18
N LEU A 219 3.48 -0.49 8.71
CA LEU A 219 3.56 0.97 8.93
C LEU A 219 4.78 1.34 9.78
N GLY A 220 4.97 0.62 10.87
CA GLY A 220 6.13 0.89 11.70
C GLY A 220 7.43 0.76 10.93
N CYS A 221 7.54 -0.27 10.09
CA CYS A 221 8.73 -0.46 9.25
C CYS A 221 8.95 0.72 8.29
N ILE A 222 7.84 1.20 7.71
CA ILE A 222 7.91 2.31 6.77
C ILE A 222 8.32 3.62 7.47
N ILE A 223 7.76 3.91 8.63
CA ILE A 223 8.13 5.14 9.35
C ILE A 223 9.62 5.08 9.66
N TYR A 224 10.07 3.93 10.14
CA TYR A 224 11.49 3.74 10.41
C TYR A 224 12.33 4.02 9.16
N GLN A 225 11.90 3.47 8.03
CA GLN A 225 12.62 3.63 6.78
C GLN A 225 12.66 5.08 6.29
N LEU A 226 11.58 5.82 6.48
CA LEU A 226 11.57 7.23 6.09
C LEU A 226 12.67 8.01 6.79
N VAL A 227 12.89 7.70 8.06
CA VAL A 227 13.86 8.43 8.87
C VAL A 227 15.27 7.87 8.70
N ALA A 228 15.38 6.55 8.74
CA ALA A 228 16.67 5.86 8.77
C ALA A 228 17.27 5.57 7.38
N GLY A 229 16.43 5.56 6.35
CA GLY A 229 16.88 5.31 4.99
C GLY A 229 16.80 3.86 4.54
N LEU A 230 16.64 2.94 5.49
CA LEU A 230 16.48 1.50 5.26
C LEU A 230 15.47 0.98 6.24
N PRO A 231 14.77 -0.08 5.87
CA PRO A 231 13.79 -0.62 6.83
C PRO A 231 14.52 -1.35 7.96
N PRO A 232 13.83 -1.61 9.05
CA PRO A 232 14.53 -2.02 10.29
C PRO A 232 15.13 -3.41 10.28
N PHE A 233 14.50 -4.34 9.57
CA PHE A 233 14.93 -5.73 9.57
C PHE A 233 15.51 -5.93 8.18
N ARG A 234 16.81 -6.04 8.12
CA ARG A 234 17.43 -6.16 6.82
C ARG A 234 18.58 -7.15 6.88
N ALA A 235 18.76 -7.80 5.74
CA ALA A 235 19.72 -8.86 5.58
C ALA A 235 19.72 -9.21 4.13
N GLY A 236 20.70 -10.00 3.76
CA GLY A 236 20.90 -10.32 2.37
C GLY A 236 20.00 -11.38 1.84
N ASN A 237 19.26 -12.04 2.71
CA ASN A 237 18.23 -12.95 2.21
C ASN A 237 17.06 -13.09 3.16
N GLU A 238 15.99 -13.65 2.63
CA GLU A 238 14.73 -13.67 3.34
C GLU A 238 14.79 -14.40 4.65
N GLY A 239 15.43 -15.58 4.69
CA GLY A 239 15.39 -16.35 5.92
C GLY A 239 16.05 -15.62 7.09
N LEU A 240 17.13 -14.90 6.79
CA LEU A 240 17.79 -14.09 7.79
C LEU A 240 16.89 -12.95 8.30
N ILE A 241 16.17 -12.31 7.39
CA ILE A 241 15.21 -11.28 7.79
C ILE A 241 14.12 -11.89 8.68
N PHE A 242 13.59 -13.05 8.32
CA PHE A 242 12.55 -13.68 9.14
C PHE A 242 13.04 -13.91 10.56
N ALA A 243 14.27 -14.39 10.68
CA ALA A 243 14.81 -14.64 11.99
C ALA A 243 14.90 -13.38 12.87
N LYS A 244 15.28 -12.26 12.26
CA LYS A 244 15.33 -10.99 12.96
C LYS A 244 13.95 -10.48 13.35
N ILE A 245 12.98 -10.66 12.48
CA ILE A 245 11.63 -10.19 12.77
C ILE A 245 11.08 -10.86 14.00
N ILE A 246 11.21 -12.18 14.08
CA ILE A 246 10.55 -12.90 15.14
CA ILE A 246 10.60 -12.98 15.13
C ILE A 246 11.25 -12.68 16.49
N LYS A 247 12.50 -12.23 16.45
CA LYS A 247 13.23 -11.86 17.67
C LYS A 247 13.18 -10.36 17.96
N LEU A 248 12.48 -9.59 17.13
CA LEU A 248 12.43 -8.12 17.26
C LEU A 248 13.86 -7.55 17.30
N GLU A 249 14.70 -8.07 16.41
CA GLU A 249 16.10 -7.68 16.38
C GLU A 249 16.30 -6.51 15.45
N TYR A 250 16.29 -5.32 16.03
CA TYR A 250 16.57 -4.07 15.32
C TYR A 250 16.98 -3.01 16.32
N ASP A 251 17.60 -1.94 15.82
CA ASP A 251 18.00 -0.77 16.61
C ASP A 251 17.76 0.50 15.84
N PHE A 252 17.72 1.61 16.57
CA PHE A 252 17.53 2.91 15.96
C PHE A 252 18.88 3.60 15.76
N PRO A 253 19.03 4.29 14.63
CA PRO A 253 20.21 5.15 14.47
C PRO A 253 20.14 6.36 15.38
N GLU A 254 21.29 7.00 15.57
CA GLU A 254 21.37 8.28 16.28
C GLU A 254 20.53 9.34 15.56
N LYS A 255 19.96 10.24 16.33
CA LYS A 255 19.22 11.40 15.81
C LYS A 255 17.86 11.06 15.28
N PHE A 256 17.44 9.82 15.46
CA PHE A 256 16.10 9.43 15.08
C PHE A 256 15.12 10.25 15.93
N PHE A 257 14.18 10.95 15.29
CA PHE A 257 13.31 11.89 16.01
C PHE A 257 12.64 11.17 17.19
N PRO A 258 12.78 11.68 18.42
CA PRO A 258 12.31 10.92 19.58
C PRO A 258 10.82 10.56 19.59
N LYS A 259 9.93 11.44 19.13
CA LYS A 259 8.52 11.09 19.11
C LYS A 259 8.24 10.02 18.05
N ALA A 260 8.96 10.06 16.94
CA ALA A 260 8.86 9.02 15.93
C ALA A 260 9.38 7.69 16.45
N ARG A 261 10.46 7.71 17.22
CA ARG A 261 10.97 6.47 17.80
C ARG A 261 9.94 5.86 18.71
N ASP A 262 9.32 6.67 19.55
CA ASP A 262 8.27 6.18 20.44
C ASP A 262 7.14 5.52 19.65
N LEU A 263 6.71 6.18 18.58
CA LEU A 263 5.64 5.65 17.74
C LEU A 263 6.05 4.31 17.10
N VAL A 264 7.26 4.23 16.55
CA VAL A 264 7.73 2.98 15.96
C VAL A 264 7.74 1.86 16.99
N GLU A 265 8.21 2.17 18.20
CA GLU A 265 8.24 1.17 19.24
C GLU A 265 6.85 0.67 19.67
N LYS A 266 5.83 1.48 19.40
CA LYS A 266 4.45 1.10 19.71
CA LYS A 266 4.45 1.10 19.71
C LYS A 266 3.75 0.38 18.55
N LEU A 267 4.40 0.31 17.39
CA LEU A 267 3.90 -0.40 16.23
C LEU A 267 4.65 -1.72 16.02
N LEU A 268 5.97 -1.69 16.18
CA LEU A 268 6.79 -2.90 16.08
C LEU A 268 6.76 -3.67 17.39
N VAL A 269 5.62 -4.33 17.60
CA VAL A 269 5.35 -5.09 18.81
C VAL A 269 5.00 -6.49 18.34
N LEU A 270 5.63 -7.51 18.92
CA LEU A 270 5.41 -8.86 18.44
C LEU A 270 3.97 -9.31 18.57
N ASP A 271 3.32 -8.98 19.68
CA ASP A 271 1.92 -9.34 19.92
C ASP A 271 1.04 -8.39 19.09
N ALA A 272 0.35 -8.92 18.08
CA ALA A 272 -0.46 -8.11 17.17
C ALA A 272 -1.62 -7.39 17.84
N THR A 273 -2.02 -7.85 19.03
CA THR A 273 -3.09 -7.21 19.78
C THR A 273 -2.63 -6.04 20.64
N LYS A 274 -1.35 -5.71 20.59
CA LYS A 274 -0.77 -4.65 21.41
C LYS A 274 -0.17 -3.52 20.59
N ARG A 275 -0.45 -3.51 19.29
CA ARG A 275 0.03 -2.44 18.40
C ARG A 275 -0.93 -1.25 18.42
N LEU A 276 -0.38 -0.04 18.55
CA LEU A 276 -1.19 1.14 18.55
C LEU A 276 -1.92 1.26 17.20
N GLY A 277 -3.24 1.42 17.27
CA GLY A 277 -4.11 1.46 16.11
C GLY A 277 -4.93 0.20 15.89
N CYS A 278 -4.54 -0.89 16.53
CA CYS A 278 -5.26 -2.14 16.31
C CYS A 278 -6.58 -2.16 17.06
N GLU A 279 -7.45 -3.08 16.69
CA GLU A 279 -8.80 -3.10 17.25
C GLU A 279 -8.75 -3.33 18.76
N GLU A 280 -7.85 -4.21 19.21
CA GLU A 280 -7.74 -4.52 20.64
C GLU A 280 -7.13 -3.38 21.46
N MET A 281 -6.51 -2.41 20.77
CA MET A 281 -5.99 -1.20 21.41
CA MET A 281 -6.06 -1.22 21.49
C MET A 281 -6.94 -0.02 21.18
N GLU A 282 -8.15 -0.33 20.75
CA GLU A 282 -9.24 0.65 20.57
C GLU A 282 -9.07 1.57 19.36
N GLY A 283 -8.37 1.08 18.33
CA GLY A 283 -8.49 1.65 17.01
C GLY A 283 -7.66 2.87 16.68
N TYR A 284 -8.11 3.59 15.67
CA TYR A 284 -7.30 4.68 15.10
C TYR A 284 -7.27 5.93 15.94
N GLY A 285 -8.23 6.12 16.84
CA GLY A 285 -8.23 7.31 17.67
C GLY A 285 -6.93 7.45 18.45
N PRO A 286 -6.59 6.42 19.22
CA PRO A 286 -5.36 6.53 20.01
C PRO A 286 -4.11 6.66 19.15
N LEU A 287 -4.09 6.07 17.96
CA LEU A 287 -2.94 6.22 17.06
C LEU A 287 -2.82 7.66 16.55
N LYS A 288 -3.91 8.24 16.09
CA LYS A 288 -3.92 9.61 15.60
C LYS A 288 -3.59 10.63 16.68
N ALA A 289 -3.85 10.27 17.93
CA ALA A 289 -3.55 11.07 19.10
C ALA A 289 -2.10 10.98 19.58
N HIS A 290 -1.29 10.15 18.95
CA HIS A 290 0.07 10.01 19.39
C HIS A 290 0.77 11.39 19.28
N PRO A 291 1.66 11.71 20.25
CA PRO A 291 2.36 13.01 20.20
C PRO A 291 3.13 13.33 18.89
N PHE A 292 3.59 12.33 18.17
CA PHE A 292 4.25 12.56 16.89
C PHE A 292 3.34 13.33 15.93
N PHE A 293 2.03 13.17 16.08
CA PHE A 293 1.07 13.80 15.18
C PHE A 293 0.39 15.03 15.75
N GLU A 294 0.90 15.58 16.85
CA GLU A 294 0.23 16.70 17.53
C GLU A 294 -0.19 17.82 16.57
N SER A 295 0.65 18.15 15.59
CA SER A 295 0.31 19.30 14.75
C SER A 295 -0.50 18.93 13.50
N VAL A 296 -0.84 17.66 13.34
CA VAL A 296 -1.55 17.24 12.15
C VAL A 296 -3.03 17.60 12.19
N THR A 297 -3.52 18.17 11.09
CA THR A 297 -4.95 18.33 10.87
C THR A 297 -5.44 17.17 10.01
N TRP A 298 -6.15 16.24 10.61
CA TRP A 298 -6.44 14.96 9.98
C TRP A 298 -7.53 15.06 8.93
N GLU A 299 -8.38 16.06 9.12
CA GLU A 299 -9.66 16.10 8.43
C GLU A 299 -9.57 16.21 6.95
N ASN A 300 -8.59 16.96 6.44
CA ASN A 300 -8.54 17.32 5.02
C ASN A 300 -7.12 17.19 4.44
N LEU A 301 -6.41 16.16 4.85
CA LEU A 301 -5.01 16.02 4.45
C LEU A 301 -4.82 16.07 2.94
N HIS A 302 -5.75 15.50 2.18
CA HIS A 302 -5.57 15.38 0.73
C HIS A 302 -5.72 16.72 0.03
N GLN A 303 -6.18 17.74 0.76
CA GLN A 303 -6.28 19.09 0.20
C GLN A 303 -5.22 20.05 0.72
N GLN A 304 -4.41 19.58 1.66
CA GLN A 304 -3.28 20.35 2.17
C GLN A 304 -2.11 20.24 1.20
N THR A 305 -1.28 21.27 1.14
CA THR A 305 -0.12 21.22 0.27
C THR A 305 0.97 20.41 0.98
N PRO A 306 1.46 19.33 0.37
CA PRO A 306 2.53 18.58 1.04
C PRO A 306 3.80 19.43 1.23
N PRO A 307 4.52 19.18 2.33
CA PRO A 307 5.81 19.83 2.51
C PRO A 307 6.78 19.40 1.44
N LYS A 308 7.68 20.30 1.04
CA LYS A 308 8.69 19.98 0.04
C LYS A 308 9.72 19.02 0.64
N LEU A 309 10.06 18.01 -0.11
CA LEU A 309 11.01 17.00 0.39
C LEU A 309 12.45 17.54 0.54
N THR A 310 12.80 18.54 -0.25
CA THR A 310 14.09 19.23 -0.09
C THR A 310 13.94 20.73 -0.30
#